data_2WV2
#
_entry.id   2WV2
#
_cell.length_a   106.179
_cell.length_b   106.179
_cell.length_c   99.730
_cell.angle_alpha   90.00
_cell.angle_beta   90.00
_cell.angle_gamma   120.00
#
_symmetry.space_group_name_H-M   'P 31 2 1'
#
loop_
_entity.id
_entity.type
_entity.pdbx_description
1 polymer 'LANOSTEROL 14-ALPHA-DEMETHYLASE'
2 non-polymer 2-(2,4-DIFLUOROPHENYL)-1,3-DI(1H-1,2,4-TRIAZOL-1-YL)PROPAN-2-OL
3 non-polymer 'PROTOPORPHYRIN IX CONTAINING FE'
4 water water
#
_entity_poly.entity_id   1
_entity_poly.type   'polypeptide(L)'
_entity_poly.pdbx_seq_one_letter_code
;MAKKKKKKSFNVTRPTDPPVYPVTVPILGHIIQFGKSPLGFMQECKRQLKSGIFTINIVGKRVTIVGDPHEHSRFFLPRN
EVLSPREVYSFMVPVFGEGVAYAAPYPRMREQLNFLAEELTIAKFQNFVPAIQHEVRKFMAANWDKDEGEINLLEDCSTM
IINTACQCLFGEDLRKRLDARRFAQLLAKMESSLIPAAVFLPILLKLPLPQSARCHEARTELQKILSEIIIARKEEEVNK
DSSTSDLLSGLLSAVYRDGTPMSLHEVCGMIVAAMFAGQHTSSITTTWSMLHLMHPANVKHLEALRKEIEEFPAQLNYNN
VMDEMPFAERCARESIRRDPPLLMLMRKVMADVKVGSYVVPKGDIIACSPLLSHHDEEAFPEPRRWDPERDEKVEGAFIG
FGAGVHKCIGQKFGLLQVKTILATAFRSYDFQLLRDEVPDPDYHTMVVGPTASQCRVKYIRRKAAAAHHHHHHHH
;
_entity_poly.pdbx_strand_id   A
#
# COMPACT_ATOMS: atom_id res chain seq x y z
N THR A 16 -19.36 -5.48 28.96
CA THR A 16 -19.42 -5.55 27.46
C THR A 16 -19.06 -4.24 26.70
N ASP A 17 -18.86 -3.13 27.41
CA ASP A 17 -18.14 -2.02 26.79
C ASP A 17 -16.62 -2.23 27.00
N PRO A 18 -15.82 -2.15 25.92
CA PRO A 18 -14.44 -2.56 26.01
C PRO A 18 -13.61 -1.65 26.93
N PRO A 19 -12.53 -2.17 27.53
CA PRO A 19 -11.76 -1.36 28.49
C PRO A 19 -11.22 -0.04 27.90
N VAL A 20 -11.23 1.05 28.68
CA VAL A 20 -10.71 2.33 28.18
C VAL A 20 -9.33 2.62 28.73
N TYR A 21 -8.31 2.59 27.87
CA TYR A 21 -6.99 3.07 28.25
C TYR A 21 -7.07 4.48 28.78
N PRO A 22 -6.45 4.75 29.94
CA PRO A 22 -6.73 6.06 30.56
C PRO A 22 -6.02 7.17 29.80
N VAL A 23 -6.59 8.35 29.85
CA VAL A 23 -6.12 9.46 29.02
C VAL A 23 -5.32 10.43 29.90
N THR A 24 -3.99 10.29 29.82
CA THR A 24 -2.99 11.06 30.60
C THR A 24 -3.10 12.59 30.45
N VAL A 25 -3.13 13.07 29.21
CA VAL A 25 -3.40 14.48 28.94
C VAL A 25 -4.66 14.63 28.06
N PRO A 26 -5.60 15.51 28.47
CA PRO A 26 -6.86 15.80 27.73
C PRO A 26 -6.56 16.33 26.33
N ILE A 27 -5.48 17.12 26.25
CA ILE A 27 -4.87 17.55 25.00
C ILE A 27 -4.44 16.38 24.06
N LEU A 28 -3.20 15.90 24.23
CA LEU A 28 -2.60 14.77 23.47
C LEU A 28 -3.54 13.62 23.10
N GLY A 29 -4.38 13.24 24.06
CA GLY A 29 -5.15 12.01 23.96
C GLY A 29 -4.16 10.89 24.11
N HIS A 30 -3.57 10.51 22.99
CA HIS A 30 -2.55 9.46 22.92
C HIS A 30 -1.63 9.67 21.70
N ILE A 31 -1.91 10.75 20.95
CA ILE A 31 -1.27 11.05 19.66
C ILE A 31 0.27 10.98 19.70
N ILE A 32 0.88 11.49 20.77
CA ILE A 32 2.34 11.36 20.96
C ILE A 32 2.81 9.92 21.22
N GLN A 33 2.43 9.29 22.33
CA GLN A 33 2.92 7.93 22.61
C GLN A 33 2.77 7.01 21.38
N PHE A 34 1.58 6.98 20.80
CA PHE A 34 1.28 6.12 19.63
C PHE A 34 2.20 6.38 18.46
N GLY A 35 2.27 7.64 18.02
CA GLY A 35 3.25 8.09 17.03
C GLY A 35 4.74 7.71 17.22
N LYS A 36 5.18 7.44 18.47
CA LYS A 36 6.61 7.15 18.82
C LYS A 36 7.05 5.65 18.76
N SER A 37 6.19 4.75 19.25
CA SER A 37 6.34 3.29 19.02
C SER A 37 5.03 2.52 19.14
N PRO A 38 4.33 2.32 18.02
CA PRO A 38 2.93 1.83 18.06
C PRO A 38 2.68 0.43 18.65
N LEU A 39 3.63 -0.46 18.44
CA LEU A 39 3.51 -1.83 18.89
C LEU A 39 3.65 -1.92 20.42
N GLY A 40 4.76 -1.41 20.93
CA GLY A 40 4.93 -1.27 22.35
C GLY A 40 3.70 -0.60 22.93
N PHE A 41 3.20 0.43 22.27
CA PHE A 41 2.11 1.14 22.84
C PHE A 41 0.92 0.27 22.85
N MET A 42 0.62 -0.36 21.72
CA MET A 42 -0.56 -1.20 21.70
C MET A 42 -0.42 -2.50 22.49
N GLN A 43 0.74 -3.15 22.43
CA GLN A 43 0.92 -4.36 23.24
C GLN A 43 0.76 -4.04 24.70
N GLU A 44 1.30 -2.90 25.12
CA GLU A 44 1.20 -2.47 26.52
C GLU A 44 -0.25 -2.28 26.86
N CYS A 45 -1.00 -1.75 25.90
CA CYS A 45 -2.38 -1.52 26.12
C CYS A 45 -3.09 -2.83 26.32
N LYS A 46 -2.64 -3.84 25.62
CA LYS A 46 -3.25 -5.15 25.72
C LYS A 46 -2.96 -5.77 27.10
N ARG A 47 -1.68 -5.93 27.42
CA ARG A 47 -1.33 -6.52 28.73
C ARG A 47 -1.99 -5.69 29.84
N GLN A 48 -1.69 -4.40 29.87
CA GLN A 48 -2.22 -3.54 30.92
C GLN A 48 -3.72 -3.68 31.07
N LEU A 49 -4.44 -3.84 29.97
CA LEU A 49 -5.92 -3.90 30.03
C LEU A 49 -6.52 -5.31 29.95
N LYS A 50 -5.66 -6.32 29.76
CA LYS A 50 -6.06 -7.75 29.83
C LYS A 50 -7.17 -8.05 28.82
N SER A 51 -6.89 -7.86 27.52
CA SER A 51 -7.91 -8.01 26.45
C SER A 51 -7.39 -7.54 25.14
N GLY A 52 -7.52 -8.34 24.11
CA GLY A 52 -7.12 -7.93 22.77
C GLY A 52 -8.03 -6.88 22.16
N ILE A 53 -9.11 -6.51 22.85
CA ILE A 53 -10.08 -5.54 22.33
C ILE A 53 -10.24 -4.40 23.32
N PHE A 54 -9.91 -3.19 22.89
CA PHE A 54 -9.78 -2.12 23.87
C PHE A 54 -9.85 -0.81 23.18
N THR A 55 -10.00 0.26 23.96
CA THR A 55 -10.40 1.52 23.43
C THR A 55 -9.42 2.57 23.87
N ILE A 56 -8.73 3.20 22.92
CA ILE A 56 -7.94 4.38 23.21
C ILE A 56 -8.78 5.62 22.87
N ASN A 57 -8.49 6.76 23.48
CA ASN A 57 -9.22 7.98 23.19
C ASN A 57 -8.20 8.91 22.58
N ILE A 58 -8.07 8.81 21.26
CA ILE A 58 -7.15 9.61 20.50
C ILE A 58 -7.79 10.95 20.26
N VAL A 59 -7.45 11.90 21.12
CA VAL A 59 -7.70 13.31 20.84
C VAL A 59 -9.18 13.69 20.95
N GLY A 60 -9.97 12.81 21.57
CA GLY A 60 -11.34 13.16 21.87
C GLY A 60 -12.35 12.20 21.31
N LYS A 61 -11.91 11.36 20.37
CA LYS A 61 -12.79 10.35 19.82
C LYS A 61 -12.27 9.03 20.24
N ARG A 62 -13.22 8.22 20.68
CA ARG A 62 -12.96 6.85 21.06
C ARG A 62 -12.54 6.00 19.86
N VAL A 63 -11.48 5.22 20.01
CA VAL A 63 -11.01 4.38 18.93
C VAL A 63 -10.81 2.96 19.39
N THR A 64 -11.75 2.08 19.10
CA THR A 64 -11.67 0.72 19.60
C THR A 64 -10.92 -0.13 18.61
N ILE A 65 -9.98 -0.90 19.14
CA ILE A 65 -9.02 -1.67 18.40
C ILE A 65 -9.28 -3.14 18.56
N VAL A 66 -9.34 -3.85 17.45
CA VAL A 66 -9.64 -5.26 17.49
C VAL A 66 -8.30 -5.92 17.42
N GLY A 67 -7.63 -6.00 18.56
CA GLY A 67 -6.26 -6.51 18.61
C GLY A 67 -6.24 -7.99 18.86
N ASP A 68 -7.36 -8.66 18.60
CA ASP A 68 -7.35 -10.13 18.71
C ASP A 68 -7.64 -10.83 17.38
N PRO A 69 -6.64 -11.51 16.79
CA PRO A 69 -6.79 -12.03 15.41
C PRO A 69 -7.87 -13.12 15.21
N HIS A 70 -8.25 -13.82 16.26
CA HIS A 70 -9.40 -14.70 16.15
C HIS A 70 -10.60 -13.84 15.83
N GLU A 71 -10.55 -12.54 16.07
CA GLU A 71 -11.72 -11.69 15.76
C GLU A 71 -11.60 -10.79 14.53
N HIS A 72 -10.59 -10.98 13.70
CA HIS A 72 -10.50 -10.12 12.52
C HIS A 72 -11.83 -10.02 11.76
N SER A 73 -12.43 -11.16 11.50
CA SER A 73 -13.70 -11.22 10.76
C SER A 73 -14.80 -10.34 11.34
N ARG A 74 -14.76 -10.01 12.62
CA ARG A 74 -15.69 -9.03 13.16
C ARG A 74 -15.54 -7.67 12.50
N PHE A 75 -14.28 -7.25 12.23
CA PHE A 75 -13.97 -6.03 11.52
C PHE A 75 -14.15 -6.19 10.00
N PHE A 76 -13.58 -7.24 9.38
CA PHE A 76 -13.58 -7.30 7.90
C PHE A 76 -14.89 -7.66 7.17
N LEU A 77 -15.85 -8.31 7.85
CA LEU A 77 -17.03 -8.90 7.18
C LEU A 77 -18.39 -8.15 7.14
N PRO A 78 -18.68 -7.29 8.13
CA PRO A 78 -19.98 -6.63 8.07
C PRO A 78 -20.07 -5.62 6.92
N ARG A 79 -21.30 -5.30 6.53
CA ARG A 79 -21.52 -4.37 5.42
C ARG A 79 -21.29 -2.87 5.75
N ASN A 80 -21.12 -2.09 4.68
CA ASN A 80 -20.92 -0.65 4.80
C ASN A 80 -22.02 0.01 5.59
N GLU A 81 -23.10 -0.71 5.84
CA GLU A 81 -24.25 -0.17 6.56
C GLU A 81 -24.00 -0.24 8.07
N VAL A 82 -23.08 -1.09 8.49
CA VAL A 82 -22.71 -1.22 9.90
C VAL A 82 -21.34 -0.60 10.14
N LEU A 83 -20.34 -1.15 9.44
CA LEU A 83 -18.93 -0.75 9.50
C LEU A 83 -18.53 0.02 8.22
N SER A 84 -18.53 1.36 8.33
CA SER A 84 -18.37 2.22 7.15
C SER A 84 -17.01 2.91 6.98
N PRO A 85 -16.53 2.98 5.76
CA PRO A 85 -15.27 3.64 5.50
C PRO A 85 -15.38 5.10 5.00
N ARG A 86 -16.57 5.56 4.60
CA ARG A 86 -16.72 6.92 4.05
C ARG A 86 -16.11 8.02 4.93
N GLU A 87 -16.57 8.14 6.17
CA GLU A 87 -16.08 9.18 7.06
C GLU A 87 -14.54 9.09 7.22
N VAL A 88 -14.05 7.91 7.53
CA VAL A 88 -12.69 7.76 7.85
C VAL A 88 -11.76 8.08 6.67
N TYR A 89 -12.28 8.03 5.46
CA TYR A 89 -11.43 8.28 4.31
C TYR A 89 -11.79 9.63 3.62
N SER A 90 -12.66 10.43 4.25
CA SER A 90 -12.96 11.77 3.77
C SER A 90 -11.73 12.61 3.53
N PHE A 91 -10.74 12.51 4.41
CA PHE A 91 -9.53 13.32 4.28
C PHE A 91 -8.85 13.10 2.92
N MET A 92 -9.30 12.11 2.19
CA MET A 92 -8.81 11.91 0.84
C MET A 92 -9.71 12.51 -0.20
N VAL A 93 -10.84 13.10 0.22
CA VAL A 93 -11.82 13.56 -0.77
C VAL A 93 -11.21 14.56 -1.77
N PRO A 94 -10.02 15.16 -1.48
CA PRO A 94 -9.45 16.00 -2.53
C PRO A 94 -8.41 15.30 -3.42
N VAL A 95 -7.81 14.22 -3.00
CA VAL A 95 -7.00 13.53 -3.99
C VAL A 95 -7.87 12.75 -4.98
N PHE A 96 -8.81 11.98 -4.47
CA PHE A 96 -9.68 11.18 -5.32
C PHE A 96 -10.68 12.02 -6.04
N GLY A 97 -11.02 13.16 -5.45
CA GLY A 97 -12.06 14.02 -5.97
C GLY A 97 -13.37 13.78 -5.25
N GLU A 98 -14.24 14.79 -5.32
CA GLU A 98 -15.48 14.84 -4.52
C GLU A 98 -16.41 13.66 -4.86
N GLY A 99 -16.53 13.35 -6.15
CA GLY A 99 -17.35 12.22 -6.55
C GLY A 99 -16.84 10.86 -6.09
N VAL A 100 -15.52 10.65 -6.27
CA VAL A 100 -14.92 9.34 -6.42
C VAL A 100 -14.77 8.47 -5.15
N ALA A 101 -14.49 7.18 -5.39
CA ALA A 101 -14.37 6.10 -4.41
C ALA A 101 -15.31 6.24 -3.22
N TYR A 102 -14.74 6.25 -2.03
CA TYR A 102 -15.51 6.15 -0.82
C TYR A 102 -16.38 7.35 -0.52
N ALA A 103 -16.30 8.40 -1.33
CA ALA A 103 -17.16 9.56 -1.15
C ALA A 103 -18.52 9.38 -1.84
N ALA A 104 -18.60 8.36 -2.69
CA ALA A 104 -19.80 8.08 -3.47
C ALA A 104 -20.76 7.24 -2.63
N PRO A 105 -22.09 7.39 -2.88
CA PRO A 105 -23.08 6.52 -2.24
C PRO A 105 -22.59 5.06 -2.37
N TYR A 106 -22.92 4.19 -1.42
CA TYR A 106 -22.30 2.85 -1.37
C TYR A 106 -22.28 1.96 -2.64
N PRO A 107 -23.47 1.71 -3.28
CA PRO A 107 -23.46 0.91 -4.52
C PRO A 107 -22.53 1.47 -5.61
N ARG A 108 -22.54 2.80 -5.80
CA ARG A 108 -21.66 3.51 -6.73
C ARG A 108 -20.16 3.32 -6.48
N MET A 109 -19.74 3.60 -5.25
CA MET A 109 -18.39 3.34 -4.81
C MET A 109 -17.95 1.98 -5.30
N ARG A 110 -18.73 0.96 -4.94
CA ARG A 110 -18.43 -0.42 -5.29
C ARG A 110 -18.31 -0.62 -6.81
N GLU A 111 -19.15 0.04 -7.60
CA GLU A 111 -19.01 -0.15 -9.02
C GLU A 111 -17.66 0.38 -9.42
N GLN A 112 -17.33 1.61 -8.98
CA GLN A 112 -16.10 2.27 -9.41
C GLN A 112 -14.89 1.45 -9.04
N LEU A 113 -14.84 0.99 -7.81
CA LEU A 113 -13.72 0.19 -7.43
C LEU A 113 -13.57 -1.04 -8.31
N ASN A 114 -14.67 -1.76 -8.52
CA ASN A 114 -14.68 -2.92 -9.45
C ASN A 114 -14.02 -2.58 -10.80
N PHE A 115 -14.40 -1.47 -11.42
CA PHE A 115 -13.78 -1.15 -12.71
C PHE A 115 -12.27 -1.00 -12.64
N LEU A 116 -11.79 -0.39 -11.55
CA LEU A 116 -10.37 -0.29 -11.34
C LEU A 116 -9.78 -1.70 -11.19
N ALA A 117 -10.43 -2.54 -10.37
CA ALA A 117 -9.95 -3.88 -10.13
C ALA A 117 -10.03 -4.70 -11.40
N GLU A 118 -11.01 -4.40 -12.25
CA GLU A 118 -11.16 -5.17 -13.50
C GLU A 118 -9.91 -4.95 -14.36
N GLU A 119 -9.07 -4.02 -13.89
CA GLU A 119 -8.00 -3.47 -14.68
C GLU A 119 -6.65 -3.83 -14.06
N LEU A 120 -6.68 -4.65 -13.01
CA LEU A 120 -5.48 -5.02 -12.31
C LEU A 120 -5.43 -6.53 -11.99
N THR A 121 -6.15 -7.33 -12.78
CA THR A 121 -6.15 -8.76 -12.56
C THR A 121 -5.07 -9.45 -13.38
N ILE A 122 -4.79 -10.69 -13.01
CA ILE A 122 -3.89 -11.52 -13.78
C ILE A 122 -4.15 -11.55 -15.29
N ALA A 123 -5.33 -11.13 -15.72
CA ALA A 123 -5.62 -11.15 -17.17
C ALA A 123 -4.86 -10.04 -17.86
N LYS A 124 -4.56 -8.97 -17.15
CA LYS A 124 -3.86 -7.88 -17.79
C LYS A 124 -2.36 -8.12 -17.81
N PHE A 125 -1.89 -9.10 -17.04
CA PHE A 125 -0.44 -9.31 -16.89
C PHE A 125 0.22 -9.86 -18.16
N GLN A 126 -0.51 -9.83 -19.28
CA GLN A 126 -0.02 -10.42 -20.52
C GLN A 126 1.29 -9.76 -20.92
N ASN A 127 1.26 -8.47 -21.29
CA ASN A 127 2.45 -7.79 -21.80
C ASN A 127 3.35 -7.16 -20.73
N PHE A 128 2.98 -7.40 -19.47
CA PHE A 128 3.39 -6.60 -18.32
C PHE A 128 4.78 -6.90 -17.82
N VAL A 129 5.10 -8.20 -17.76
CA VAL A 129 6.39 -8.66 -17.30
C VAL A 129 7.54 -8.08 -18.16
N PRO A 130 7.52 -8.29 -19.50
CA PRO A 130 8.51 -7.60 -20.33
C PRO A 130 8.62 -6.12 -20.02
N ALA A 131 7.48 -5.46 -19.81
CA ALA A 131 7.44 -4.03 -19.67
C ALA A 131 8.02 -3.65 -18.32
N ILE A 132 7.83 -4.51 -17.34
CA ILE A 132 8.42 -4.26 -16.06
C ILE A 132 9.91 -4.52 -16.25
N GLN A 133 10.24 -5.73 -16.67
CA GLN A 133 11.62 -6.17 -16.70
C GLN A 133 12.51 -5.16 -17.43
N HIS A 134 11.98 -4.60 -18.52
CA HIS A 134 12.71 -3.67 -19.39
C HIS A 134 13.11 -2.45 -18.61
N GLU A 135 12.17 -1.92 -17.82
CA GLU A 135 12.42 -0.75 -16.99
C GLU A 135 13.40 -1.07 -15.88
N VAL A 136 13.22 -2.21 -15.22
CA VAL A 136 14.15 -2.63 -14.20
C VAL A 136 15.60 -2.67 -14.73
N ARG A 137 15.82 -3.28 -15.90
CA ARG A 137 17.17 -3.37 -16.47
C ARG A 137 17.58 -2.06 -17.10
N LYS A 138 16.64 -1.13 -17.20
CA LYS A 138 16.96 0.13 -17.85
C LYS A 138 17.48 0.99 -16.73
N PHE A 139 16.77 0.93 -15.62
CA PHE A 139 17.16 1.66 -14.47
C PHE A 139 18.52 1.16 -14.03
N MET A 140 18.67 -0.15 -13.99
CA MET A 140 19.91 -0.78 -13.56
C MET A 140 21.08 -0.45 -14.47
N ALA A 141 20.76 0.00 -15.69
CA ALA A 141 21.78 0.22 -16.72
C ALA A 141 22.19 1.69 -16.84
N ALA A 142 21.40 2.58 -16.28
CA ALA A 142 21.85 3.96 -16.19
C ALA A 142 22.51 4.19 -14.82
N ASN A 143 21.96 3.54 -13.79
CA ASN A 143 22.28 3.85 -12.40
C ASN A 143 23.13 2.85 -11.63
N TRP A 144 23.10 1.59 -12.06
CA TRP A 144 23.91 0.53 -11.45
C TRP A 144 24.95 0.05 -12.48
N ASP A 145 25.80 0.98 -12.92
CA ASP A 145 26.71 0.82 -14.06
C ASP A 145 28.01 0.13 -13.75
N LYS A 146 28.45 0.29 -12.52
CA LYS A 146 29.84 0.06 -12.17
C LYS A 146 30.00 -1.35 -11.63
N ASP A 147 31.24 -1.77 -11.42
CA ASP A 147 31.50 -3.00 -10.70
C ASP A 147 30.90 -2.88 -9.31
N GLU A 148 31.17 -1.74 -8.64
CA GLU A 148 30.72 -1.45 -7.28
C GLU A 148 30.16 -0.04 -7.22
N GLY A 149 29.26 0.19 -6.28
CA GLY A 149 28.64 1.49 -6.09
C GLY A 149 27.66 1.51 -4.94
N GLU A 150 27.45 2.72 -4.41
CA GLU A 150 26.48 3.02 -3.33
C GLU A 150 25.26 3.79 -3.86
N ILE A 151 24.10 3.47 -3.30
CA ILE A 151 22.83 4.03 -3.75
C ILE A 151 21.91 4.03 -2.56
N ASN A 152 20.90 4.90 -2.55
CA ASN A 152 19.82 4.65 -1.59
C ASN A 152 18.82 3.68 -2.16
N LEU A 153 18.77 2.46 -1.62
CA LEU A 153 17.86 1.44 -2.08
C LEU A 153 16.39 1.83 -2.00
N LEU A 154 16.00 2.66 -1.05
CA LEU A 154 14.59 2.96 -1.00
C LEU A 154 14.19 3.92 -2.12
N GLU A 155 15.00 4.94 -2.42
CA GLU A 155 14.79 5.77 -3.61
C GLU A 155 14.75 4.90 -4.88
N ASP A 156 15.79 4.07 -5.08
CA ASP A 156 15.93 3.42 -6.36
C ASP A 156 14.72 2.52 -6.61
N CYS A 157 14.33 1.73 -5.60
CA CYS A 157 13.10 0.93 -5.68
C CYS A 157 11.90 1.80 -5.94
N SER A 158 11.90 2.95 -5.29
CA SER A 158 10.75 3.78 -5.34
C SER A 158 10.63 4.26 -6.77
N THR A 159 11.78 4.58 -7.37
CA THR A 159 11.83 5.03 -8.74
C THR A 159 11.44 3.90 -9.69
N MET A 160 11.92 2.70 -9.41
CA MET A 160 11.68 1.66 -10.36
C MET A 160 10.17 1.41 -10.39
N ILE A 161 9.54 1.49 -9.23
CA ILE A 161 8.12 1.20 -9.10
C ILE A 161 7.28 2.13 -9.94
N ILE A 162 7.46 3.43 -9.72
CA ILE A 162 6.76 4.46 -10.50
C ILE A 162 7.04 4.29 -12.00
N ASN A 163 8.26 3.91 -12.36
CA ASN A 163 8.56 3.71 -13.77
C ASN A 163 7.80 2.54 -14.35
N THR A 164 8.01 1.36 -13.77
CA THR A 164 7.33 0.16 -14.19
C THR A 164 5.82 0.40 -14.28
N ALA A 165 5.20 0.91 -13.19
CA ALA A 165 3.73 1.08 -13.16
C ALA A 165 3.18 1.88 -14.36
N CYS A 166 3.82 2.99 -14.70
CA CYS A 166 3.45 3.73 -15.90
C CYS A 166 3.55 2.91 -17.17
N GLN A 167 4.62 2.12 -17.26
CA GLN A 167 4.90 1.39 -18.46
C GLN A 167 3.76 0.39 -18.66
N CYS A 168 3.22 -0.09 -17.56
CA CYS A 168 2.16 -1.06 -17.64
C CYS A 168 0.83 -0.40 -17.95
N LEU A 169 0.61 0.78 -17.37
CA LEU A 169 -0.75 1.30 -17.23
C LEU A 169 -1.15 2.40 -18.20
N PHE A 170 -0.16 3.12 -18.75
CA PHE A 170 -0.42 4.20 -19.72
C PHE A 170 0.11 3.84 -21.09
N GLY A 171 -0.44 4.45 -22.13
CA GLY A 171 0.12 4.30 -23.47
C GLY A 171 1.35 5.15 -23.68
N GLU A 172 2.08 4.83 -24.76
CA GLU A 172 3.20 5.65 -25.22
C GLU A 172 2.82 7.13 -25.26
N ASP A 173 1.61 7.41 -25.74
CA ASP A 173 1.13 8.77 -25.95
C ASP A 173 0.55 9.39 -24.69
N LEU A 174 0.22 8.57 -23.69
CA LEU A 174 -0.07 9.12 -22.39
C LEU A 174 1.27 9.50 -21.79
N ARG A 175 2.20 8.54 -21.80
CA ARG A 175 3.59 8.83 -21.47
C ARG A 175 4.24 9.95 -22.30
N LYS A 176 3.71 10.23 -23.49
CA LYS A 176 4.30 11.29 -24.30
C LYS A 176 4.25 12.64 -23.58
N ARG A 177 3.25 12.86 -22.74
CA ARG A 177 3.10 14.16 -22.10
C ARG A 177 3.15 14.08 -20.58
N LEU A 178 2.85 12.91 -20.05
CA LEU A 178 2.92 12.73 -18.61
C LEU A 178 3.78 11.53 -18.25
N ASP A 179 5.05 11.76 -17.95
CA ASP A 179 5.97 10.66 -17.60
C ASP A 179 6.15 10.47 -16.10
N ALA A 180 6.85 9.40 -15.74
CA ALA A 180 7.28 9.13 -14.36
C ALA A 180 7.52 10.40 -13.54
N ARG A 181 8.57 11.15 -13.90
CA ARG A 181 8.76 12.48 -13.33
C ARG A 181 7.41 13.20 -13.22
N ARG A 182 6.88 13.69 -14.33
CA ARG A 182 5.71 14.62 -14.26
C ARG A 182 4.72 14.08 -13.24
N PHE A 183 4.36 12.81 -13.41
CA PHE A 183 3.35 12.25 -12.58
C PHE A 183 3.73 12.28 -11.11
N ALA A 184 4.91 11.76 -10.75
CA ALA A 184 5.38 11.87 -9.37
C ALA A 184 5.35 13.32 -8.91
N GLN A 185 5.88 14.26 -9.69
CA GLN A 185 5.77 15.64 -9.26
C GLN A 185 4.31 15.88 -8.89
N LEU A 186 3.39 15.45 -9.74
CA LEU A 186 1.97 15.78 -9.55
C LEU A 186 1.29 15.14 -8.32
N LEU A 187 1.55 13.86 -8.10
CA LEU A 187 1.06 13.19 -6.90
C LEU A 187 1.54 13.87 -5.64
N ALA A 188 2.80 14.32 -5.66
CA ALA A 188 3.47 14.95 -4.53
C ALA A 188 2.81 16.25 -4.14
N LYS A 189 2.34 16.99 -5.12
CA LYS A 189 1.71 18.24 -4.81
C LYS A 189 0.26 17.98 -4.43
N MET A 190 -0.14 16.72 -4.46
CA MET A 190 -1.49 16.31 -4.05
C MET A 190 -1.43 15.72 -2.65
N GLU A 191 -0.57 14.72 -2.48
CA GLU A 191 -0.31 14.03 -1.23
C GLU A 191 -0.06 15.03 -0.11
N SER A 192 0.61 16.11 -0.46
CA SER A 192 0.95 17.13 0.50
C SER A 192 -0.24 18.04 0.82
N SER A 193 -1.43 17.76 0.27
CA SER A 193 -2.64 18.42 0.79
C SER A 193 -3.17 17.71 2.04
N LEU A 194 -2.74 16.49 2.26
CA LEU A 194 -3.46 15.56 3.12
C LEU A 194 -3.31 15.76 4.62
N ILE A 195 -4.43 15.96 5.32
CA ILE A 195 -4.40 15.91 6.82
C ILE A 195 -4.95 14.61 7.47
N PRO A 196 -4.17 13.50 7.44
CA PRO A 196 -4.61 12.20 8.02
C PRO A 196 -5.14 12.27 9.45
N ALA A 197 -4.58 13.11 10.29
CA ALA A 197 -5.18 13.27 11.62
C ALA A 197 -6.63 13.77 11.59
N ALA A 198 -7.08 14.27 10.44
CA ALA A 198 -8.46 14.71 10.31
C ALA A 198 -9.49 13.57 10.39
N VAL A 199 -9.02 12.31 10.44
CA VAL A 199 -9.87 11.15 10.77
C VAL A 199 -10.51 11.31 12.17
N PHE A 200 -9.69 11.75 13.13
CA PHE A 200 -10.11 11.82 14.52
C PHE A 200 -10.70 13.21 14.90
N LEU A 201 -10.36 14.22 14.11
CA LEU A 201 -11.00 15.53 14.21
C LEU A 201 -11.35 16.02 12.83
N PRO A 202 -12.54 15.63 12.33
CA PRO A 202 -12.98 16.02 10.98
C PRO A 202 -13.03 17.53 10.80
N ILE A 203 -12.85 18.26 11.91
CA ILE A 203 -12.97 19.70 11.91
C ILE A 203 -11.76 20.30 11.25
N LEU A 204 -10.68 19.53 11.22
CA LEU A 204 -9.47 19.93 10.55
C LEU A 204 -9.70 20.20 9.07
N LEU A 205 -10.58 19.40 8.45
CA LEU A 205 -10.84 19.45 7.00
C LEU A 205 -11.25 20.82 6.54
N LYS A 206 -12.12 21.44 7.35
CA LYS A 206 -12.63 22.78 7.12
C LYS A 206 -11.49 23.83 7.05
N LEU A 207 -11.05 24.32 8.22
CA LEU A 207 -10.21 25.53 8.36
C LEU A 207 -8.92 25.64 7.48
N PRO A 208 -7.81 24.96 7.87
CA PRO A 208 -6.51 25.04 7.16
C PRO A 208 -6.56 24.87 5.64
N LEU A 209 -6.07 25.87 4.91
CA LEU A 209 -6.10 25.84 3.43
C LEU A 209 -4.80 26.21 2.65
N PRO A 210 -3.59 26.03 3.26
CA PRO A 210 -2.41 26.53 2.53
C PRO A 210 -2.00 25.64 1.34
N GLN A 211 -1.70 24.37 1.62
CA GLN A 211 -1.29 23.44 0.58
C GLN A 211 -2.52 22.88 -0.18
N SER A 212 -3.66 23.56 -0.04
CA SER A 212 -4.94 23.13 -0.62
C SER A 212 -5.10 23.50 -2.08
N ALA A 213 -4.88 24.78 -2.39
CA ALA A 213 -4.96 25.26 -3.77
C ALA A 213 -3.81 24.73 -4.64
N ARG A 214 -2.80 24.14 -4.01
CA ARG A 214 -1.65 23.62 -4.70
C ARG A 214 -2.02 22.21 -5.14
N CYS A 215 -2.90 21.57 -4.35
CA CYS A 215 -3.48 20.28 -4.69
C CYS A 215 -4.52 20.36 -5.81
N HIS A 216 -5.41 21.36 -5.75
CA HIS A 216 -6.44 21.55 -6.77
C HIS A 216 -5.86 21.87 -8.15
N GLU A 217 -4.79 22.65 -8.19
CA GLU A 217 -4.13 22.99 -9.44
C GLU A 217 -3.36 21.79 -10.02
N ALA A 218 -2.92 20.87 -9.18
CA ALA A 218 -2.34 19.62 -9.70
C ALA A 218 -3.40 18.74 -10.33
N ARG A 219 -4.47 18.46 -9.58
CA ARG A 219 -5.55 17.59 -10.05
C ARG A 219 -6.20 18.12 -11.33
N THR A 220 -6.51 19.41 -11.37
CA THR A 220 -6.96 19.98 -12.62
C THR A 220 -5.89 19.86 -13.71
N GLU A 221 -4.61 19.98 -13.37
CA GLU A 221 -3.60 19.85 -14.41
C GLU A 221 -3.66 18.44 -15.00
N LEU A 222 -3.69 17.45 -14.10
CA LEU A 222 -3.75 16.07 -14.56
C LEU A 222 -5.01 15.87 -15.36
N GLN A 223 -6.13 16.30 -14.80
CA GLN A 223 -7.43 16.02 -15.40
C GLN A 223 -7.53 16.58 -16.79
N LYS A 224 -6.80 17.65 -17.03
CA LYS A 224 -6.81 18.32 -18.31
C LYS A 224 -5.90 17.59 -19.31
N ILE A 225 -4.71 17.19 -18.87
CA ILE A 225 -3.84 16.37 -19.72
C ILE A 225 -4.64 15.21 -20.25
N LEU A 226 -5.44 14.66 -19.35
CA LEU A 226 -6.30 13.54 -19.69
C LEU A 226 -7.33 13.93 -20.76
N SER A 227 -8.07 15.01 -20.51
CA SER A 227 -9.08 15.48 -21.44
C SER A 227 -8.49 15.46 -22.86
N GLU A 228 -7.33 16.09 -22.99
CA GLU A 228 -6.62 16.21 -24.27
C GLU A 228 -6.26 14.87 -24.88
N ILE A 229 -5.75 13.97 -24.06
CA ILE A 229 -5.31 12.68 -24.55
C ILE A 229 -6.50 11.92 -25.17
N ILE A 230 -7.64 11.95 -24.50
CA ILE A 230 -8.88 11.35 -25.01
C ILE A 230 -9.24 11.94 -26.37
N ILE A 231 -9.31 13.28 -26.44
CA ILE A 231 -9.56 14.01 -27.68
C ILE A 231 -8.62 13.54 -28.79
N ALA A 232 -7.32 13.50 -28.49
CA ALA A 232 -6.32 13.10 -29.47
C ALA A 232 -6.42 11.61 -29.79
N ARG A 233 -6.84 10.84 -28.79
CA ARG A 233 -7.10 9.40 -28.90
C ARG A 233 -8.27 9.09 -29.85
N LYS A 234 -9.07 10.11 -30.21
CA LYS A 234 -10.29 9.92 -30.99
C LYS A 234 -10.20 10.38 -32.45
N GLU A 235 -9.21 11.24 -32.75
CA GLU A 235 -8.79 11.49 -34.11
C GLU A 235 -7.92 10.32 -34.60
N GLU A 236 -7.00 9.87 -33.75
CA GLU A 236 -6.17 8.68 -33.97
C GLU A 236 -6.83 7.58 -34.81
N GLU A 237 -7.93 7.01 -34.31
CA GLU A 237 -8.61 5.87 -34.97
C GLU A 237 -9.30 6.19 -36.32
N VAL A 238 -9.71 7.45 -36.50
CA VAL A 238 -10.47 7.89 -37.67
C VAL A 238 -9.71 7.62 -38.95
N THR A 244 -4.18 -0.41 -29.06
CA THR A 244 -4.70 -1.40 -28.14
C THR A 244 -4.65 -0.85 -26.69
N SER A 245 -5.36 -1.52 -25.77
CA SER A 245 -5.71 -0.98 -24.45
C SER A 245 -4.58 -0.50 -23.50
N ASP A 246 -5.02 0.14 -22.41
CA ASP A 246 -4.22 0.52 -21.24
C ASP A 246 -5.23 0.94 -20.17
N LEU A 247 -4.75 1.38 -19.02
CA LEU A 247 -5.61 1.62 -17.86
C LEU A 247 -6.69 2.61 -18.16
N LEU A 248 -6.36 3.62 -18.95
CA LEU A 248 -7.29 4.73 -19.15
C LEU A 248 -8.44 4.33 -20.07
N SER A 249 -8.11 3.69 -21.19
CA SER A 249 -9.10 3.30 -22.20
C SER A 249 -10.09 2.34 -21.54
N GLY A 250 -9.56 1.48 -20.66
CA GLY A 250 -10.35 0.54 -19.87
C GLY A 250 -11.48 1.24 -19.10
N LEU A 251 -11.10 2.28 -18.37
CA LEU A 251 -12.03 2.99 -17.48
C LEU A 251 -13.10 3.79 -18.24
N LEU A 252 -12.75 4.34 -19.40
CA LEU A 252 -13.73 4.99 -20.25
C LEU A 252 -14.67 4.00 -20.96
N SER A 253 -14.28 2.73 -20.96
CA SER A 253 -15.14 1.71 -21.54
C SER A 253 -16.18 1.18 -20.53
N ALA A 254 -15.98 1.50 -19.26
CA ALA A 254 -16.86 1.01 -18.20
C ALA A 254 -18.24 1.66 -18.22
N VAL A 255 -19.27 0.85 -17.95
CA VAL A 255 -20.67 1.28 -17.91
C VAL A 255 -21.30 0.95 -16.55
N TYR A 256 -21.99 1.93 -15.93
CA TYR A 256 -22.65 1.69 -14.63
C TYR A 256 -23.96 0.92 -14.76
N ARG A 257 -24.42 0.36 -13.63
CA ARG A 257 -25.72 -0.31 -13.52
C ARG A 257 -26.83 0.38 -14.32
N ASP A 258 -26.89 1.70 -14.28
CA ASP A 258 -27.81 2.47 -15.10
C ASP A 258 -27.14 2.81 -16.42
N GLY A 259 -27.36 4.02 -16.94
CA GLY A 259 -26.78 4.41 -18.22
C GLY A 259 -25.35 4.94 -18.14
N THR A 260 -25.17 5.98 -17.32
CA THR A 260 -23.93 6.77 -17.23
C THR A 260 -22.65 6.01 -17.54
N PRO A 261 -21.76 6.61 -18.35
CA PRO A 261 -20.32 6.24 -18.36
C PRO A 261 -19.63 6.70 -17.08
N MET A 262 -18.29 6.76 -17.09
CA MET A 262 -17.60 7.47 -16.01
C MET A 262 -17.30 8.87 -16.53
N SER A 263 -17.50 9.87 -15.67
CA SER A 263 -17.17 11.25 -16.01
C SER A 263 -15.66 11.36 -15.98
N LEU A 264 -15.12 12.40 -16.61
CA LEU A 264 -13.68 12.62 -16.57
C LEU A 264 -13.22 12.72 -15.12
N HIS A 265 -13.94 13.51 -14.33
CA HIS A 265 -13.70 13.62 -12.89
C HIS A 265 -13.37 12.23 -12.33
N GLU A 266 -14.30 11.30 -12.55
CA GLU A 266 -14.24 9.97 -11.97
C GLU A 266 -13.07 9.16 -12.50
N VAL A 267 -12.82 9.17 -13.82
CA VAL A 267 -11.72 8.38 -14.38
C VAL A 267 -10.46 8.88 -13.77
N CYS A 268 -10.32 10.19 -13.82
CA CYS A 268 -9.15 10.81 -13.30
C CYS A 268 -8.89 10.35 -11.86
N GLY A 269 -9.94 10.37 -11.05
CA GLY A 269 -9.90 9.98 -9.66
C GLY A 269 -9.48 8.54 -9.49
N MET A 270 -9.92 7.68 -10.38
CA MET A 270 -9.51 6.32 -10.24
C MET A 270 -8.03 6.17 -10.64
N ILE A 271 -7.61 6.81 -11.73
CA ILE A 271 -6.20 6.74 -12.09
C ILE A 271 -5.35 7.22 -10.92
N VAL A 272 -5.80 8.27 -10.21
CA VAL A 272 -5.04 8.69 -9.03
C VAL A 272 -5.15 7.69 -7.87
N ALA A 273 -6.36 7.29 -7.48
CA ALA A 273 -6.49 6.17 -6.56
C ALA A 273 -5.42 5.12 -6.82
N ALA A 274 -5.39 4.62 -8.04
CA ALA A 274 -4.46 3.59 -8.40
C ALA A 274 -3.01 4.04 -8.18
N MET A 275 -2.59 5.12 -8.83
CA MET A 275 -1.19 5.44 -8.77
C MET A 275 -0.85 5.87 -7.37
N PHE A 276 -1.82 6.37 -6.64
CA PHE A 276 -1.51 6.80 -5.29
C PHE A 276 -1.30 5.61 -4.34
N ALA A 277 -2.05 4.53 -4.58
CA ALA A 277 -2.14 3.42 -3.68
C ALA A 277 -0.89 2.57 -3.82
N GLY A 278 -0.47 2.33 -5.06
CA GLY A 278 0.63 1.46 -5.29
C GLY A 278 1.98 2.11 -5.08
N GLN A 279 2.01 3.42 -5.04
CA GLN A 279 3.28 4.13 -5.03
C GLN A 279 4.29 3.87 -3.91
N HIS A 280 3.83 3.61 -2.70
CA HIS A 280 4.80 3.48 -1.64
C HIS A 280 4.86 2.07 -1.12
N THR A 281 3.71 1.44 -1.03
CA THR A 281 3.57 0.08 -0.57
C THR A 281 4.40 -0.88 -1.40
N SER A 282 4.22 -0.88 -2.73
CA SER A 282 5.09 -1.69 -3.61
C SER A 282 6.60 -1.39 -3.44
N SER A 283 6.99 -0.13 -3.49
CA SER A 283 8.37 0.25 -3.22
C SER A 283 8.86 -0.32 -1.91
N ILE A 284 8.07 -0.17 -0.86
CA ILE A 284 8.52 -0.52 0.48
C ILE A 284 8.68 -2.04 0.62
N THR A 285 7.72 -2.75 0.04
CA THR A 285 7.78 -4.18 -0.03
C THR A 285 9.04 -4.65 -0.72
N THR A 286 9.42 -3.99 -1.81
CA THR A 286 10.56 -4.42 -2.59
C THR A 286 11.82 -4.18 -1.76
N THR A 287 11.82 -3.10 -1.03
CA THR A 287 13.05 -2.65 -0.45
C THR A 287 13.35 -3.44 0.78
N TRP A 288 12.32 -3.62 1.61
CA TRP A 288 12.42 -4.44 2.78
C TRP A 288 12.95 -5.79 2.34
N SER A 289 12.26 -6.45 1.40
CA SER A 289 12.66 -7.80 0.94
C SER A 289 14.14 -7.84 0.61
N MET A 290 14.57 -6.90 -0.22
CA MET A 290 15.92 -6.91 -0.68
C MET A 290 16.82 -6.76 0.55
N LEU A 291 16.38 -5.96 1.51
CA LEU A 291 17.23 -5.64 2.67
C LEU A 291 17.49 -6.91 3.45
N HIS A 292 16.40 -7.61 3.77
CA HIS A 292 16.52 -8.81 4.52
C HIS A 292 17.44 -9.80 3.80
N LEU A 293 17.15 -10.02 2.51
CA LEU A 293 17.87 -10.93 1.66
C LEU A 293 19.38 -10.65 1.64
N MET A 294 19.78 -9.40 1.78
CA MET A 294 21.19 -9.14 1.65
C MET A 294 21.88 -9.28 2.98
N HIS A 295 21.11 -9.54 4.05
CA HIS A 295 21.69 -9.68 5.38
C HIS A 295 22.37 -11.05 5.58
N PRO A 296 23.64 -11.02 6.09
CA PRO A 296 24.40 -12.24 6.40
C PRO A 296 23.59 -13.29 7.13
N ALA A 297 22.75 -12.89 8.10
CA ALA A 297 21.99 -13.85 8.90
C ALA A 297 21.15 -14.68 7.99
N ASN A 298 20.58 -14.04 6.98
CA ASN A 298 19.60 -14.66 6.13
C ASN A 298 20.23 -15.34 4.90
N VAL A 299 21.40 -15.98 5.03
CA VAL A 299 22.05 -16.55 3.84
C VAL A 299 21.17 -17.60 3.20
N LYS A 300 20.56 -18.44 4.05
CA LYS A 300 19.76 -19.57 3.56
C LYS A 300 18.69 -19.05 2.64
N HIS A 301 17.98 -18.02 3.08
CA HIS A 301 16.88 -17.59 2.27
C HIS A 301 17.39 -17.06 0.94
N LEU A 302 18.58 -16.48 0.93
CA LEU A 302 19.10 -15.92 -0.31
C LEU A 302 19.65 -17.03 -1.20
N GLU A 303 20.18 -18.09 -0.60
CA GLU A 303 20.43 -19.30 -1.35
C GLU A 303 19.09 -19.76 -1.94
N ALA A 304 18.06 -19.80 -1.10
CA ALA A 304 16.74 -20.26 -1.52
C ALA A 304 16.23 -19.47 -2.75
N LEU A 305 16.21 -18.14 -2.68
CA LEU A 305 15.90 -17.31 -3.85
C LEU A 305 16.79 -17.59 -5.05
N ARG A 306 18.07 -17.84 -4.80
CA ARG A 306 18.99 -18.00 -5.92
C ARG A 306 18.80 -19.32 -6.64
N LYS A 307 18.47 -20.40 -5.91
CA LYS A 307 18.05 -21.65 -6.54
C LYS A 307 16.81 -21.45 -7.41
N GLU A 308 15.85 -20.68 -6.90
CA GLU A 308 14.58 -20.50 -7.59
C GLU A 308 14.73 -19.88 -8.99
N ILE A 309 15.63 -18.90 -9.09
CA ILE A 309 15.93 -18.09 -10.29
C ILE A 309 16.86 -18.76 -11.31
N GLU A 310 17.60 -19.79 -10.90
CA GLU A 310 18.71 -20.31 -11.71
C GLU A 310 18.34 -20.60 -13.16
N GLU A 311 17.42 -21.53 -13.41
CA GLU A 311 17.16 -21.89 -14.81
C GLU A 311 16.22 -20.92 -15.55
N PHE A 312 15.99 -19.75 -14.93
CA PHE A 312 15.16 -18.71 -15.56
C PHE A 312 15.87 -18.08 -16.78
N PRO A 313 15.11 -17.68 -17.83
CA PRO A 313 15.71 -16.94 -18.99
C PRO A 313 16.02 -15.46 -18.66
N ALA A 314 16.67 -14.74 -19.58
CA ALA A 314 17.08 -13.33 -19.34
C ALA A 314 15.93 -12.38 -19.55
N GLN A 315 15.17 -12.59 -20.62
CA GLN A 315 13.81 -12.05 -20.69
C GLN A 315 12.88 -13.03 -19.95
N LEU A 316 12.21 -12.56 -18.89
CA LEU A 316 11.22 -13.36 -18.14
C LEU A 316 9.88 -13.26 -18.84
N ASN A 317 8.88 -13.98 -18.32
CA ASN A 317 7.51 -13.98 -18.89
C ASN A 317 6.49 -14.34 -17.81
N TYR A 318 5.20 -14.28 -18.17
CA TYR A 318 4.15 -14.51 -17.19
C TYR A 318 4.49 -15.72 -16.28
N ASN A 319 4.68 -16.89 -16.90
CA ASN A 319 5.01 -18.14 -16.20
C ASN A 319 6.15 -18.05 -15.19
N ASN A 320 7.27 -17.44 -15.61
CA ASN A 320 8.44 -17.29 -14.74
C ASN A 320 8.11 -16.72 -13.40
N VAL A 321 7.43 -15.57 -13.40
CA VAL A 321 7.20 -14.82 -12.17
C VAL A 321 5.84 -15.11 -11.51
N MET A 322 4.83 -15.45 -12.31
CA MET A 322 3.50 -15.71 -11.76
C MET A 322 3.35 -17.09 -11.13
N ASP A 323 3.86 -18.09 -11.81
CA ASP A 323 3.62 -19.41 -11.35
C ASP A 323 4.88 -20.05 -10.75
N GLU A 324 6.05 -19.41 -10.88
CA GLU A 324 7.29 -20.17 -10.54
C GLU A 324 8.13 -19.64 -9.40
N MET A 325 7.65 -18.60 -8.73
CA MET A 325 8.44 -18.02 -7.65
C MET A 325 7.73 -17.95 -6.31
N PRO A 326 7.17 -19.09 -5.83
CA PRO A 326 6.49 -19.11 -4.55
C PRO A 326 7.39 -18.63 -3.44
N PHE A 327 8.68 -18.97 -3.52
CA PHE A 327 9.62 -18.49 -2.53
C PHE A 327 9.73 -16.95 -2.48
N ALA A 328 9.89 -16.33 -3.64
CA ALA A 328 9.87 -14.85 -3.80
C ALA A 328 8.56 -14.18 -3.28
N GLU A 329 7.42 -14.82 -3.56
CA GLU A 329 6.15 -14.41 -2.99
C GLU A 329 6.15 -14.60 -1.45
N ARG A 330 6.68 -15.70 -0.96
CA ARG A 330 6.86 -15.84 0.47
C ARG A 330 7.72 -14.69 1.02
N CYS A 331 8.88 -14.42 0.45
CA CYS A 331 9.67 -13.29 0.90
C CYS A 331 8.91 -11.97 0.86
N ALA A 332 8.20 -11.72 -0.22
CA ALA A 332 7.54 -10.41 -0.31
C ALA A 332 6.61 -10.37 0.87
N ARG A 333 5.79 -11.42 1.05
CA ARG A 333 4.80 -11.47 2.13
C ARG A 333 5.35 -11.46 3.57
N GLU A 334 6.38 -12.24 3.82
CA GLU A 334 7.03 -12.12 5.09
C GLU A 334 7.42 -10.67 5.36
N SER A 335 7.91 -9.94 4.35
CA SER A 335 8.26 -8.52 4.60
C SER A 335 7.05 -7.73 5.07
N ILE A 336 5.92 -7.92 4.41
CA ILE A 336 4.77 -7.12 4.70
C ILE A 336 4.28 -7.54 6.04
N ARG A 337 4.37 -8.84 6.30
CA ARG A 337 4.02 -9.40 7.58
C ARG A 337 4.78 -8.71 8.74
N ARG A 338 6.13 -8.78 8.78
CA ARG A 338 6.92 -8.15 9.86
C ARG A 338 6.65 -6.64 10.01
N ASP A 339 6.47 -5.96 8.86
CA ASP A 339 6.64 -4.52 8.74
C ASP A 339 5.53 -3.96 7.81
N PRO A 340 4.27 -4.16 8.23
CA PRO A 340 3.19 -3.90 7.34
C PRO A 340 3.20 -2.40 7.06
N PRO A 341 3.08 -2.00 5.78
CA PRO A 341 3.06 -0.60 5.44
C PRO A 341 1.88 0.19 5.94
N LEU A 342 0.68 -0.36 5.81
CA LEU A 342 -0.51 0.26 6.37
C LEU A 342 -0.76 -0.40 7.69
N LEU A 343 -0.54 0.40 8.73
CA LEU A 343 -0.48 -0.06 10.08
C LEU A 343 -1.82 -0.20 10.70
N MET A 344 -2.86 0.42 10.13
CA MET A 344 -4.16 0.51 10.75
C MET A 344 -5.27 0.59 9.72
N LEU A 345 -6.20 -0.33 9.84
CA LEU A 345 -7.28 -0.25 8.98
C LEU A 345 -8.40 0.30 9.83
N MET A 346 -9.13 1.31 9.37
CA MET A 346 -10.28 1.74 10.18
C MET A 346 -11.59 1.98 9.48
N ARG A 347 -12.66 1.99 10.27
CA ARG A 347 -14.06 2.15 9.84
C ARG A 347 -14.83 2.92 10.91
N LYS A 348 -15.92 3.58 10.49
CA LYS A 348 -16.83 4.29 11.40
C LYS A 348 -17.95 3.33 11.73
N VAL A 349 -18.20 3.13 13.02
CA VAL A 349 -19.28 2.27 13.49
C VAL A 349 -20.65 2.98 13.39
N MET A 350 -21.51 2.54 12.45
CA MET A 350 -22.86 3.13 12.26
C MET A 350 -23.93 2.54 13.18
N ALA A 351 -23.81 1.25 13.45
CA ALA A 351 -24.69 0.56 14.39
C ALA A 351 -23.85 -0.32 15.34
N ASP A 352 -24.31 -0.40 16.58
CA ASP A 352 -23.65 -1.20 17.59
C ASP A 352 -23.37 -2.59 17.04
N VAL A 353 -22.12 -3.02 17.15
CA VAL A 353 -21.72 -4.32 16.68
C VAL A 353 -21.00 -5.07 17.79
N LYS A 354 -21.37 -6.33 17.99
CA LYS A 354 -20.61 -7.21 18.91
C LYS A 354 -19.27 -7.61 18.30
N VAL A 355 -18.25 -7.65 19.14
CA VAL A 355 -16.91 -8.12 18.76
C VAL A 355 -16.41 -8.95 19.93
N GLY A 356 -16.41 -10.29 19.77
CA GLY A 356 -16.27 -11.20 20.91
C GLY A 356 -17.31 -10.81 21.95
N SER A 357 -17.00 -10.94 23.23
CA SER A 357 -17.66 -10.15 24.27
C SER A 357 -17.32 -8.66 23.98
N TYR A 358 -18.03 -7.72 24.59
CA TYR A 358 -17.95 -6.29 24.17
C TYR A 358 -18.84 -5.99 22.98
N VAL A 359 -19.61 -4.91 23.14
CA VAL A 359 -20.36 -4.28 22.09
C VAL A 359 -19.62 -2.99 21.75
N VAL A 360 -19.35 -2.78 20.45
CA VAL A 360 -18.71 -1.53 20.03
C VAL A 360 -19.81 -0.58 19.57
N PRO A 361 -19.96 0.56 20.30
CA PRO A 361 -21.09 1.45 20.12
C PRO A 361 -20.95 2.43 18.95
N LYS A 362 -22.05 2.69 18.24
CA LYS A 362 -22.03 3.62 17.10
C LYS A 362 -21.38 4.95 17.46
N GLY A 363 -20.52 5.43 16.60
CA GLY A 363 -19.82 6.68 16.85
C GLY A 363 -18.33 6.43 17.05
N ASP A 364 -18.00 5.31 17.70
CA ASP A 364 -16.63 4.90 17.81
C ASP A 364 -16.12 4.70 16.40
N ILE A 365 -14.86 5.04 16.19
CA ILE A 365 -14.09 4.45 15.10
C ILE A 365 -13.70 3.05 15.56
N ILE A 366 -13.72 2.09 14.66
CA ILE A 366 -13.20 0.77 14.94
C ILE A 366 -11.98 0.53 14.08
N ALA A 367 -10.98 -0.07 14.66
CA ALA A 367 -9.76 -0.26 13.92
C ALA A 367 -9.19 -1.64 14.08
N CYS A 368 -8.39 -2.02 13.09
CA CYS A 368 -7.77 -3.32 13.07
C CYS A 368 -6.38 -3.18 12.52
N SER A 369 -5.37 -3.44 13.33
CA SER A 369 -4.02 -3.06 12.99
C SER A 369 -3.15 -4.20 12.44
N PRO A 370 -2.82 -4.12 11.17
CA PRO A 370 -1.89 -5.17 10.75
C PRO A 370 -0.63 -5.28 11.62
N LEU A 371 -0.07 -4.16 12.01
CA LEU A 371 1.11 -4.15 12.87
C LEU A 371 0.85 -4.88 14.16
N LEU A 372 -0.30 -4.70 14.79
CA LEU A 372 -0.49 -5.42 16.07
C LEU A 372 -0.77 -6.90 15.82
N SER A 373 -1.60 -7.19 14.82
CA SER A 373 -1.99 -8.60 14.63
C SER A 373 -0.77 -9.40 14.14
N HIS A 374 0.09 -8.80 13.34
CA HIS A 374 1.25 -9.52 12.84
C HIS A 374 2.31 -9.81 13.91
N HIS A 375 2.10 -9.25 15.11
CA HIS A 375 2.95 -9.59 16.23
C HIS A 375 2.18 -10.22 17.36
N ASP A 376 1.10 -10.92 17.04
CA ASP A 376 0.53 -11.81 18.05
C ASP A 376 1.49 -12.98 18.13
N GLU A 377 1.97 -13.30 19.32
CA GLU A 377 2.93 -14.37 19.39
C GLU A 377 2.33 -15.75 19.15
N GLU A 378 1.02 -15.93 19.42
CA GLU A 378 0.30 -17.16 19.05
C GLU A 378 0.31 -17.26 17.53
N ALA A 379 -0.17 -16.23 16.87
CA ALA A 379 -0.30 -16.20 15.41
C ALA A 379 1.03 -16.29 14.66
N PHE A 380 2.05 -15.56 15.15
CA PHE A 380 3.39 -15.55 14.57
C PHE A 380 4.52 -15.68 15.60
N PRO A 381 4.87 -16.90 15.97
CA PRO A 381 6.01 -17.10 16.88
C PRO A 381 7.23 -16.31 16.47
N GLU A 382 8.00 -15.89 17.47
CA GLU A 382 9.21 -15.08 17.22
C GLU A 382 8.93 -13.91 16.24
N PRO A 383 7.87 -13.10 16.48
CA PRO A 383 7.41 -12.18 15.41
C PRO A 383 8.45 -11.26 14.80
N ARG A 384 9.58 -11.01 15.46
CA ARG A 384 10.45 -9.97 14.92
C ARG A 384 11.47 -10.61 14.04
N ARG A 385 11.45 -11.94 13.93
CA ARG A 385 12.37 -12.58 13.00
C ARG A 385 11.73 -12.65 11.64
N TRP A 386 12.47 -12.21 10.63
CA TRP A 386 12.03 -12.34 9.24
C TRP A 386 12.32 -13.74 8.75
N ASP A 387 11.24 -14.47 8.43
CA ASP A 387 11.28 -15.89 8.05
C ASP A 387 10.24 -16.14 6.96
N PRO A 388 10.65 -16.11 5.69
CA PRO A 388 9.65 -16.35 4.64
C PRO A 388 9.07 -17.77 4.59
N GLU A 389 9.59 -18.68 5.40
CA GLU A 389 9.10 -20.04 5.39
C GLU A 389 8.05 -20.27 6.45
N ARG A 390 7.85 -19.26 7.29
CA ARG A 390 6.81 -19.36 8.31
C ARG A 390 5.45 -19.41 7.62
N ASP A 391 4.44 -19.87 8.36
CA ASP A 391 3.00 -19.76 7.97
C ASP A 391 2.21 -19.22 9.15
N GLU A 392 1.15 -18.45 8.93
CA GLU A 392 0.28 -18.07 10.05
C GLU A 392 -0.27 -19.28 10.87
N LYS A 393 -0.27 -19.16 12.20
CA LYS A 393 -0.74 -20.26 13.05
C LYS A 393 -2.20 -20.09 13.49
N VAL A 394 -2.73 -18.89 13.36
CA VAL A 394 -4.15 -18.60 13.50
C VAL A 394 -4.55 -18.20 12.09
N GLU A 395 -5.67 -18.73 11.60
CA GLU A 395 -6.02 -18.51 10.20
C GLU A 395 -6.54 -17.08 10.03
N GLY A 396 -6.09 -16.41 8.97
CA GLY A 396 -6.54 -15.06 8.66
C GLY A 396 -5.90 -14.01 9.54
N ALA A 397 -4.90 -14.41 10.32
CA ALA A 397 -4.21 -13.46 11.16
C ALA A 397 -3.44 -12.45 10.31
N PHE A 398 -2.81 -12.91 9.24
CA PHE A 398 -2.14 -12.01 8.31
C PHE A 398 -3.17 -11.12 7.61
N ILE A 399 -3.10 -9.80 7.81
CA ILE A 399 -4.06 -8.89 7.19
C ILE A 399 -3.28 -7.80 6.47
N GLY A 400 -2.17 -8.16 5.84
CA GLY A 400 -1.33 -7.23 5.15
C GLY A 400 -1.95 -6.63 3.92
N PHE A 401 -3.00 -7.23 3.37
CA PHE A 401 -3.70 -6.66 2.24
C PHE A 401 -5.15 -6.51 2.64
N GLY A 402 -5.36 -6.60 3.94
CA GLY A 402 -6.69 -6.62 4.45
C GLY A 402 -7.49 -7.84 4.04
N ALA A 403 -8.81 -7.67 4.08
CA ALA A 403 -9.74 -8.78 4.03
C ALA A 403 -11.17 -8.33 3.84
N GLY A 404 -12.01 -9.33 3.58
CA GLY A 404 -13.42 -9.10 3.41
C GLY A 404 -13.73 -8.12 2.32
N VAL A 405 -14.70 -7.27 2.57
CA VAL A 405 -15.26 -6.44 1.53
C VAL A 405 -14.29 -5.42 0.95
N HIS A 406 -13.32 -4.95 1.73
CA HIS A 406 -12.30 -4.10 1.13
C HIS A 406 -10.94 -4.74 1.19
N LYS A 407 -10.78 -5.89 0.55
CA LYS A 407 -9.44 -6.44 0.47
C LYS A 407 -8.76 -5.76 -0.67
N CYS A 408 -7.46 -5.56 -0.54
CA CYS A 408 -6.70 -4.87 -1.56
C CYS A 408 -6.99 -5.44 -2.93
N ILE A 409 -7.23 -4.60 -3.92
CA ILE A 409 -7.49 -5.06 -5.29
C ILE A 409 -6.23 -4.92 -6.13
N GLY A 410 -5.14 -4.44 -5.55
CA GLY A 410 -3.91 -4.21 -6.31
C GLY A 410 -2.77 -5.15 -5.96
N GLN A 411 -3.10 -6.14 -5.14
CA GLN A 411 -2.11 -6.98 -4.50
C GLN A 411 -1.40 -7.87 -5.53
N LYS A 412 -2.19 -8.43 -6.45
CA LYS A 412 -1.62 -9.25 -7.49
C LYS A 412 -0.70 -8.36 -8.31
N PHE A 413 -1.05 -7.09 -8.50
CA PHE A 413 -0.23 -6.26 -9.34
C PHE A 413 1.03 -5.79 -8.68
N GLY A 414 0.91 -5.33 -7.43
CA GLY A 414 2.06 -4.92 -6.62
C GLY A 414 3.13 -5.99 -6.58
N LEU A 415 2.73 -7.21 -6.24
CA LEU A 415 3.69 -8.29 -6.09
C LEU A 415 4.20 -8.76 -7.43
N LEU A 416 3.48 -8.46 -8.51
CA LEU A 416 4.08 -8.70 -9.80
C LEU A 416 5.35 -7.82 -9.88
N GLN A 417 5.25 -6.56 -9.50
CA GLN A 417 6.43 -5.74 -9.66
C GLN A 417 7.54 -6.13 -8.66
N VAL A 418 7.19 -6.41 -7.42
CA VAL A 418 8.18 -6.78 -6.43
C VAL A 418 8.94 -8.03 -6.93
N LYS A 419 8.18 -9.04 -7.32
CA LYS A 419 8.82 -10.30 -7.66
C LYS A 419 9.79 -10.08 -8.83
N THR A 420 9.34 -9.34 -9.83
CA THR A 420 10.15 -9.13 -11.01
C THR A 420 11.39 -8.34 -10.68
N ILE A 421 11.30 -7.45 -9.69
CA ILE A 421 12.45 -6.63 -9.34
C ILE A 421 13.47 -7.54 -8.68
N LEU A 422 13.05 -8.20 -7.59
CA LEU A 422 13.81 -9.33 -6.95
C LEU A 422 14.51 -10.18 -7.96
N ALA A 423 13.72 -10.87 -8.78
CA ALA A 423 14.26 -11.76 -9.78
C ALA A 423 15.30 -11.01 -10.61
N THR A 424 14.94 -9.84 -11.12
CA THR A 424 15.83 -9.18 -12.02
C THR A 424 17.07 -8.75 -11.26
N ALA A 425 16.87 -8.08 -10.14
CA ALA A 425 17.99 -7.60 -9.33
C ALA A 425 18.93 -8.73 -8.90
N PHE A 426 18.38 -9.82 -8.34
CA PHE A 426 19.28 -10.78 -7.76
C PHE A 426 19.97 -11.63 -8.75
N ARG A 427 19.47 -11.61 -9.99
CA ARG A 427 20.14 -12.29 -11.08
C ARG A 427 21.56 -11.71 -11.29
N SER A 428 21.66 -10.38 -11.32
CA SER A 428 22.88 -9.68 -11.74
C SER A 428 23.71 -8.92 -10.67
N TYR A 429 23.17 -8.78 -9.46
CA TYR A 429 23.91 -8.07 -8.41
C TYR A 429 23.89 -8.80 -7.09
N ASP A 430 24.94 -8.63 -6.29
CA ASP A 430 24.83 -8.89 -4.85
C ASP A 430 24.59 -7.56 -4.14
N PHE A 431 24.55 -7.56 -2.81
CA PHE A 431 24.33 -6.34 -2.03
C PHE A 431 24.87 -6.46 -0.65
N GLN A 432 25.56 -5.43 -0.21
CA GLN A 432 25.94 -5.36 1.18
C GLN A 432 25.19 -4.18 1.76
N LEU A 433 24.63 -4.37 2.96
CA LEU A 433 24.24 -3.26 3.82
C LEU A 433 25.47 -2.45 4.18
N LEU A 434 25.27 -1.31 4.83
CA LEU A 434 26.38 -0.54 5.35
C LEU A 434 26.04 -0.27 6.77
N ARG A 435 25.73 -1.33 7.48
CA ARG A 435 24.97 -1.35 8.72
C ARG A 435 25.09 -2.77 9.26
N ASP A 436 25.26 -2.94 10.58
CA ASP A 436 25.20 -4.27 11.16
C ASP A 436 23.81 -4.88 11.07
N GLU A 437 22.77 -4.18 11.54
CA GLU A 437 21.40 -4.74 11.52
C GLU A 437 20.52 -4.11 10.41
N VAL A 438 19.57 -4.89 9.92
CA VAL A 438 18.56 -4.41 9.00
C VAL A 438 18.00 -3.12 9.56
N PRO A 439 17.49 -2.20 8.70
CA PRO A 439 17.04 -0.89 9.15
C PRO A 439 15.85 -1.01 10.05
N ASP A 440 15.75 -0.18 11.09
CA ASP A 440 14.42 -0.04 11.81
C ASP A 440 13.35 0.56 10.94
N PRO A 441 12.09 0.21 11.19
CA PRO A 441 11.04 0.95 10.49
C PRO A 441 10.93 2.40 10.97
N ASP A 442 10.27 3.25 10.18
CA ASP A 442 10.08 4.68 10.45
C ASP A 442 8.59 4.99 10.51
N TYR A 443 8.04 5.14 11.70
CA TYR A 443 6.58 5.18 11.86
C TYR A 443 6.01 6.59 11.67
N HIS A 444 6.90 7.51 11.31
CA HIS A 444 6.57 8.90 11.12
C HIS A 444 5.85 9.21 9.79
N THR A 445 5.89 8.36 8.77
CA THR A 445 5.17 8.65 7.54
C THR A 445 3.75 8.05 7.48
N MET A 446 2.87 8.55 6.62
CA MET A 446 1.57 7.86 6.48
C MET A 446 1.74 6.40 6.17
N VAL A 447 2.64 6.09 5.26
CA VAL A 447 2.77 4.75 4.77
C VAL A 447 4.18 4.29 5.25
N VAL A 448 4.27 3.27 6.09
CA VAL A 448 5.53 3.05 6.82
C VAL A 448 6.50 2.21 6.01
N GLY A 449 7.79 2.55 5.94
CA GLY A 449 8.77 1.79 5.24
C GLY A 449 10.04 1.80 6.07
N PRO A 450 11.12 1.15 5.59
CA PRO A 450 12.40 1.24 6.33
C PRO A 450 12.81 2.71 6.43
N THR A 451 13.61 3.04 7.43
CA THR A 451 14.13 4.39 7.57
C THR A 451 15.06 4.76 6.42
N ALA A 452 14.58 5.67 5.59
CA ALA A 452 15.28 6.18 4.43
C ALA A 452 16.78 6.38 4.65
N SER A 453 17.17 7.09 5.70
CA SER A 453 18.61 7.31 5.92
C SER A 453 19.39 6.03 6.36
N GLN A 454 18.67 4.93 6.57
CA GLN A 454 19.36 3.68 6.85
C GLN A 454 19.41 2.73 5.66
N CYS A 455 18.94 3.19 4.49
CA CYS A 455 18.92 2.37 3.30
C CYS A 455 20.01 2.63 2.29
N ARG A 456 21.08 3.35 2.66
CA ARG A 456 22.18 3.45 1.68
C ARG A 456 22.79 2.06 1.54
N VAL A 457 23.04 1.65 0.31
CA VAL A 457 23.46 0.28 0.10
C VAL A 457 24.56 0.09 -0.92
N LYS A 458 25.35 -0.96 -0.73
CA LYS A 458 26.47 -1.24 -1.64
C LYS A 458 25.98 -2.31 -2.58
N TYR A 459 26.04 -2.05 -3.89
CA TYR A 459 25.72 -3.07 -4.92
C TYR A 459 27.01 -3.61 -5.58
N ILE A 460 27.04 -4.90 -5.88
CA ILE A 460 28.17 -5.47 -6.66
C ILE A 460 27.62 -6.20 -7.89
N ARG A 461 28.24 -6.04 -9.07
CA ARG A 461 27.87 -6.88 -10.23
C ARG A 461 28.65 -8.18 -10.16
N ARG A 462 27.96 -9.31 -10.29
CA ARG A 462 28.51 -10.66 -10.05
C ARG A 462 29.91 -10.97 -10.66
N LYS A 463 29.91 -11.24 -11.97
CA LYS A 463 31.11 -11.64 -12.79
C LYS A 463 30.58 -12.11 -14.18
#